data_3M1M
#
_entry.id   3M1M
#
_cell.length_a   125.718
_cell.length_b   46.557
_cell.length_c   77.993
_cell.angle_alpha   90.00
_cell.angle_beta   124.61
_cell.angle_gamma   90.00
#
_symmetry.space_group_name_H-M   'C 1 2 1'
#
loop_
_entity.id
_entity.type
_entity.pdbx_description
1 polymer ORF904
2 non-polymer 'ZINC ION'
3 non-polymer GLYCEROL
4 non-polymer 'SULFATE ION'
5 water water
#
_entity_poly.entity_id   1
_entity_poly.type   'polypeptide(L)'
_entity_poly.pdbx_seq_one_letter_code
;SSNFSSERIRYAKWFLEHGFNIIPIDPESKKPVLKEWQKYSHEMPSDEEKQRFLKMIEEGYNYAIPGGQKGLVILDFESK
EKLKAWIGESALEELCRKTLCTNTVHGGIHIYVLSNDIPPHKINPLFEENGKGIIDLQSYNSYVLGLGSCVNHLHCTTDK
CPWKEQNYTTCYTLYNELKEISKVDLKSLLRFLAEKGKRLGITLSKTAKEWLEGKKEEEDTVVEFEELRKELVKRDSGKP
VEKIKEEICTKSPPKLIKEIICENKTYADVNIDRSRGDWHVILYLMKHGVTDPDKILELLPRDSKAKENEKWNTQKYFVI
TLSKAWSVVKKYLEA
;
_entity_poly.pdbx_strand_id   A
#
# COMPACT_ATOMS: atom_id res chain seq x y z
N SER A 5 8.40 16.28 -16.84
CA SER A 5 9.82 16.58 -16.54
C SER A 5 9.87 17.29 -15.15
N SER A 6 9.77 18.63 -15.10
CA SER A 6 9.81 19.29 -13.82
C SER A 6 8.72 18.76 -12.87
N GLU A 7 7.48 18.49 -13.35
CA GLU A 7 6.40 18.03 -12.43
C GLU A 7 6.67 16.63 -11.90
N ARG A 8 7.25 15.76 -12.75
CA ARG A 8 7.58 14.37 -12.33
C ARG A 8 8.49 14.38 -11.10
N ILE A 9 9.55 15.20 -11.14
CA ILE A 9 10.51 15.33 -10.02
C ILE A 9 9.90 16.10 -8.83
N ARG A 10 9.20 17.19 -9.13
CA ARG A 10 8.52 17.96 -8.08
C ARG A 10 7.61 17.05 -7.22
N TYR A 11 6.80 16.21 -7.85
CA TYR A 11 5.88 15.41 -7.06
C TYR A 11 6.53 14.14 -6.43
N ALA A 12 7.51 13.55 -7.10
CA ALA A 12 8.17 12.37 -6.48
C ALA A 12 8.81 12.86 -5.20
N LYS A 13 9.40 14.05 -5.26
CA LYS A 13 10.04 14.62 -4.06
C LYS A 13 9.04 14.87 -2.94
N TRP A 14 7.86 15.32 -3.31
CA TRP A 14 6.76 15.55 -2.37
C TRP A 14 6.31 14.26 -1.65
N PHE A 15 6.15 13.20 -2.43
CA PHE A 15 5.79 11.91 -1.86
C PHE A 15 6.83 11.39 -0.88
N LEU A 16 8.11 11.38 -1.30
CA LEU A 16 9.23 10.95 -0.44
C LEU A 16 9.28 11.80 0.83
N GLU A 17 9.07 13.08 0.68
CA GLU A 17 9.15 13.94 1.83
C GLU A 17 8.01 13.74 2.78
N HIS A 18 6.87 13.22 2.29
CA HIS A 18 5.76 12.83 3.18
C HIS A 18 5.79 11.41 3.70
N GLY A 19 6.94 10.77 3.58
CA GLY A 19 7.15 9.47 4.17
C GLY A 19 6.72 8.27 3.33
N PHE A 20 6.28 8.52 2.09
CA PHE A 20 5.87 7.47 1.13
C PHE A 20 7.03 6.88 0.35
N ASN A 21 7.05 5.55 0.22
CA ASN A 21 7.93 4.89 -0.71
C ASN A 21 7.48 5.13 -2.14
N ILE A 22 8.43 5.31 -3.05
CA ILE A 22 8.06 5.31 -4.48
C ILE A 22 8.88 4.19 -5.10
N ILE A 23 8.45 3.73 -6.26
CA ILE A 23 9.27 2.83 -7.03
C ILE A 23 9.48 3.33 -8.44
N PRO A 24 10.76 3.36 -8.88
CA PRO A 24 11.10 3.80 -10.24
C PRO A 24 10.51 2.89 -11.29
N ILE A 25 9.96 3.49 -12.35
CA ILE A 25 9.29 2.75 -13.42
C ILE A 25 10.13 3.00 -14.69
N ASP A 26 10.56 1.93 -15.36
CA ASP A 26 11.41 2.08 -16.54
C ASP A 26 10.54 2.62 -17.69
N PRO A 27 10.84 3.84 -18.22
CA PRO A 27 9.90 4.38 -19.23
C PRO A 27 10.02 3.62 -20.57
N GLU A 28 11.11 2.86 -20.76
CA GLU A 28 11.19 1.99 -21.94
C GLU A 28 10.30 0.75 -21.78
N SER A 29 10.42 0.04 -20.66
CA SER A 29 9.68 -1.21 -20.48
C SER A 29 8.30 -1.00 -19.82
N LYS A 30 8.07 0.20 -19.27
CA LYS A 30 6.82 0.54 -18.58
C LYS A 30 6.58 -0.29 -17.32
N LYS A 31 7.61 -0.98 -16.84
CA LYS A 31 7.46 -1.85 -15.68
C LYS A 31 8.47 -1.48 -14.61
N PRO A 32 8.28 -1.95 -13.37
CA PRO A 32 9.23 -1.49 -12.35
C PRO A 32 10.68 -1.89 -12.70
N VAL A 33 11.65 -1.09 -12.31
CA VAL A 33 13.06 -1.43 -12.56
C VAL A 33 13.54 -2.54 -11.59
N LEU A 34 12.89 -2.63 -10.42
CA LEU A 34 13.29 -3.51 -9.30
C LEU A 34 12.57 -4.84 -9.34
N LYS A 35 13.30 -5.90 -9.03
CA LYS A 35 12.73 -7.23 -8.94
C LYS A 35 11.68 -7.40 -7.86
N GLU A 36 11.92 -6.99 -6.63
CA GLU A 36 10.88 -7.35 -5.64
C GLU A 36 10.18 -6.05 -5.25
N TRP A 37 9.52 -5.45 -6.22
CA TRP A 37 8.97 -4.13 -5.96
C TRP A 37 7.81 -4.25 -4.98
N GLN A 38 7.14 -5.41 -4.91
CA GLN A 38 6.03 -5.57 -3.96
C GLN A 38 6.41 -5.27 -2.52
N LYS A 39 7.68 -5.44 -2.16
CA LYS A 39 8.08 -5.24 -0.76
C LYS A 39 7.92 -3.78 -0.34
N TYR A 40 8.01 -2.88 -1.30
CA TYR A 40 7.82 -1.46 -0.98
C TYR A 40 6.37 -1.10 -0.59
N SER A 41 5.48 -2.08 -0.71
CA SER A 41 4.08 -1.91 -0.27
C SER A 41 4.03 -2.00 1.23
N HIS A 42 5.11 -2.42 1.87
CA HIS A 42 5.03 -2.67 3.31
C HIS A 42 6.30 -2.40 4.11
N GLU A 43 7.48 -2.32 3.48
CA GLU A 43 8.71 -1.99 4.23
C GLU A 43 8.86 -0.50 4.54
N MET A 44 9.78 -0.17 5.43
CA MET A 44 10.06 1.22 5.77
C MET A 44 11.01 1.89 4.78
N PRO A 45 10.75 3.18 4.46
CA PRO A 45 11.67 3.95 3.63
C PRO A 45 13.08 3.95 4.25
N SER A 46 14.09 3.69 3.44
CA SER A 46 15.48 3.89 3.83
C SER A 46 15.86 5.22 3.23
N ASP A 47 16.56 6.07 3.98
CA ASP A 47 16.93 7.39 3.46
C ASP A 47 17.85 7.33 2.24
N GLU A 48 18.76 6.36 2.22
CA GLU A 48 19.63 6.19 1.07
C GLU A 48 18.82 5.74 -0.15
N GLU A 49 17.88 4.84 0.06
CA GLU A 49 17.02 4.45 -1.04
C GLU A 49 16.18 5.60 -1.57
N LYS A 50 15.60 6.36 -0.65
CA LYS A 50 14.82 7.55 -1.02
C LYS A 50 15.69 8.42 -1.95
N GLN A 51 16.88 8.71 -1.51
CA GLN A 51 17.79 9.57 -2.23
C GLN A 51 18.17 9.03 -3.63
N ARG A 52 18.39 7.73 -3.72
CA ARG A 52 18.69 7.06 -5.00
C ARG A 52 17.50 7.07 -5.95
N PHE A 53 16.30 6.82 -5.43
CA PHE A 53 15.13 6.76 -6.30
C PHE A 53 14.85 8.15 -6.85
N LEU A 54 14.94 9.17 -6.00
CA LEU A 54 14.72 10.58 -6.44
C LEU A 54 15.68 10.88 -7.62
N LYS A 55 16.93 10.48 -7.50
CA LYS A 55 17.90 10.74 -8.59
C LYS A 55 17.55 9.99 -9.87
N MET A 56 17.08 8.75 -9.76
CA MET A 56 16.61 8.02 -10.93
C MET A 56 15.48 8.77 -11.64
N ILE A 57 14.52 9.30 -10.88
CA ILE A 57 13.44 10.06 -11.49
C ILE A 57 13.94 11.38 -12.13
N GLU A 58 14.88 12.07 -11.47
CA GLU A 58 15.51 13.24 -12.10
C GLU A 58 16.22 12.85 -13.41
N GLU A 59 16.78 11.64 -13.47
CA GLU A 59 17.43 11.16 -14.69
C GLU A 59 16.43 10.73 -15.76
N GLY A 60 15.15 10.70 -15.46
CA GLY A 60 14.16 10.46 -16.51
C GLY A 60 13.24 9.27 -16.30
N TYR A 61 13.50 8.45 -15.28
CA TYR A 61 12.55 7.37 -14.92
C TYR A 61 11.20 7.93 -14.53
N ASN A 62 10.14 7.19 -14.82
CA ASN A 62 8.84 7.47 -14.20
C ASN A 62 8.89 6.88 -12.79
N TYR A 63 7.79 6.99 -12.05
CA TYR A 63 7.72 6.45 -10.69
C TYR A 63 6.28 6.04 -10.38
N ALA A 64 6.15 5.17 -9.38
CA ALA A 64 4.85 4.67 -8.97
C ALA A 64 4.75 4.69 -7.45
N ILE A 65 3.53 4.79 -6.96
CA ILE A 65 3.30 4.74 -5.54
C ILE A 65 2.60 3.38 -5.24
N PRO A 66 3.26 2.47 -4.51
CA PRO A 66 2.65 1.24 -4.08
C PRO A 66 1.58 1.50 -3.03
N GLY A 67 0.51 0.69 -3.08
CA GLY A 67 -0.56 0.72 -2.08
C GLY A 67 -0.12 -0.02 -0.79
N GLY A 68 -0.93 0.05 0.28
CA GLY A 68 -0.66 -0.71 1.49
C GLY A 68 0.19 0.02 2.49
N GLN A 69 1.31 0.56 2.03
CA GLN A 69 2.21 1.26 2.94
C GLN A 69 1.46 2.39 3.66
N LYS A 70 1.71 2.51 4.96
CA LYS A 70 1.12 3.56 5.79
C LYS A 70 -0.39 3.57 5.81
N GLY A 71 -1.04 2.51 5.40
CA GLY A 71 -2.50 2.52 5.38
C GLY A 71 -3.03 3.06 4.06
N LEU A 72 -2.17 3.25 3.06
CA LEU A 72 -2.60 3.79 1.74
C LEU A 72 -3.37 2.82 0.86
N VAL A 73 -4.53 3.27 0.34
CA VAL A 73 -5.10 2.64 -0.85
C VAL A 73 -5.38 3.75 -1.86
N ILE A 74 -5.37 3.39 -3.14
CA ILE A 74 -5.65 4.35 -4.18
C ILE A 74 -6.86 3.76 -4.89
N LEU A 75 -7.94 4.52 -4.90
CA LEU A 75 -9.14 4.13 -5.64
C LEU A 75 -8.94 4.65 -7.06
N ASP A 76 -8.76 3.71 -8.00
CA ASP A 76 -8.38 3.99 -9.37
C ASP A 76 -9.58 3.81 -10.33
N PHE A 77 -10.26 4.92 -10.59
CA PHE A 77 -11.51 4.92 -11.32
C PHE A 77 -11.17 5.05 -12.82
N GLU A 78 -11.75 4.17 -13.62
CA GLU A 78 -11.43 4.23 -15.06
C GLU A 78 -11.80 5.61 -15.69
N SER A 79 -12.93 6.17 -15.27
CA SER A 79 -13.50 7.35 -15.94
C SER A 79 -13.91 8.43 -14.95
N LYS A 80 -13.28 9.61 -15.06
CA LYS A 80 -13.64 10.74 -14.25
C LYS A 80 -15.10 11.18 -14.50
N GLU A 81 -15.53 11.05 -15.74
CA GLU A 81 -16.91 11.40 -16.09
C GLU A 81 -17.92 10.45 -15.41
N LYS A 82 -17.59 9.18 -15.41
CA LYS A 82 -18.36 8.22 -14.68
C LYS A 82 -18.43 8.49 -13.18
N LEU A 83 -17.28 8.78 -12.55
CA LEU A 83 -17.31 9.11 -11.12
C LEU A 83 -18.15 10.36 -10.80
N LYS A 84 -18.03 11.38 -11.64
CA LYS A 84 -18.83 12.57 -11.44
C LYS A 84 -20.34 12.22 -11.48
N ALA A 85 -20.77 11.41 -12.42
CA ALA A 85 -22.20 11.09 -12.54
C ALA A 85 -22.64 10.22 -11.35
N TRP A 86 -21.75 9.35 -10.90
CA TRP A 86 -22.04 8.35 -9.87
C TRP A 86 -22.21 9.00 -8.51
N ILE A 87 -21.27 9.86 -8.12
CA ILE A 87 -21.35 10.49 -6.81
C ILE A 87 -21.86 11.93 -6.82
N GLY A 88 -21.86 12.56 -7.99
CA GLY A 88 -22.19 13.97 -8.09
C GLY A 88 -20.98 14.90 -7.90
N GLU A 89 -21.06 16.07 -8.51
CA GLU A 89 -19.95 17.02 -8.46
C GLU A 89 -19.67 17.49 -7.03
N SER A 90 -20.70 17.60 -6.20
CA SER A 90 -20.48 18.14 -4.85
C SER A 90 -19.71 17.15 -3.95
N ALA A 91 -20.10 15.88 -3.98
CA ALA A 91 -19.34 14.86 -3.25
C ALA A 91 -17.94 14.70 -3.82
N LEU A 92 -17.77 14.86 -5.13
CA LEU A 92 -16.44 14.69 -5.74
C LEU A 92 -15.53 15.85 -5.30
N GLU A 93 -16.08 17.05 -5.25
CA GLU A 93 -15.31 18.21 -4.79
C GLU A 93 -14.94 18.12 -3.31
N GLU A 94 -15.84 17.57 -2.51
CA GLU A 94 -15.51 17.34 -1.12
C GLU A 94 -14.33 16.37 -1.03
N LEU A 95 -14.38 15.33 -1.85
CA LEU A 95 -13.34 14.33 -1.78
C LEU A 95 -12.01 14.95 -2.24
N CYS A 96 -12.05 15.74 -3.31
CA CYS A 96 -10.84 16.38 -3.84
C CYS A 96 -10.32 17.46 -2.95
N ARG A 97 -11.18 17.98 -2.07
CA ARG A 97 -10.81 18.94 -1.06
C ARG A 97 -10.20 18.24 0.15
N LYS A 98 -10.66 17.04 0.46
CA LYS A 98 -10.18 16.36 1.64
C LYS A 98 -8.82 15.69 1.43
N THR A 99 -8.57 15.22 0.20
CA THR A 99 -7.36 14.39 -0.02
C THR A 99 -6.84 14.55 -1.43
N LEU A 100 -5.74 13.88 -1.73
CA LEU A 100 -5.12 13.97 -3.08
C LEU A 100 -5.93 13.22 -4.12
N CYS A 101 -6.33 13.91 -5.21
CA CYS A 101 -6.96 13.23 -6.34
C CYS A 101 -6.21 13.65 -7.60
N THR A 102 -5.97 12.70 -8.47
CA THR A 102 -5.19 13.04 -9.68
C THR A 102 -5.94 12.57 -10.92
N ASN A 103 -5.72 13.25 -12.07
CA ASN A 103 -6.19 12.74 -13.38
C ASN A 103 -5.25 11.66 -13.89
N THR A 104 -5.78 10.59 -14.46
CA THR A 104 -4.90 9.57 -15.01
C THR A 104 -4.82 9.72 -16.53
N VAL A 105 -3.88 9.02 -17.17
CA VAL A 105 -3.55 9.32 -18.56
C VAL A 105 -4.67 9.02 -19.55
N HIS A 106 -5.50 8.05 -19.21
CA HIS A 106 -6.58 7.61 -20.05
C HIS A 106 -7.92 8.17 -19.61
N GLY A 107 -7.94 9.21 -18.78
CA GLY A 107 -9.19 9.95 -18.48
C GLY A 107 -9.89 9.53 -17.21
N GLY A 108 -9.18 8.75 -16.38
CA GLY A 108 -9.72 8.32 -15.07
C GLY A 108 -9.29 9.22 -13.93
N ILE A 109 -9.49 8.74 -12.68
CA ILE A 109 -9.14 9.55 -11.51
C ILE A 109 -8.63 8.61 -10.44
N HIS A 110 -7.54 9.02 -9.82
CA HIS A 110 -7.04 8.32 -8.63
C HIS A 110 -7.42 9.15 -7.38
N ILE A 111 -7.98 8.47 -6.38
CA ILE A 111 -8.25 9.06 -5.08
C ILE A 111 -7.40 8.27 -4.08
N TYR A 112 -6.44 8.96 -3.51
CA TYR A 112 -5.52 8.39 -2.53
C TYR A 112 -6.08 8.64 -1.15
N VAL A 113 -6.20 7.60 -0.34
CA VAL A 113 -6.57 7.78 1.06
C VAL A 113 -5.78 6.85 1.96
N LEU A 114 -5.70 7.22 3.23
CA LEU A 114 -5.20 6.32 4.26
C LEU A 114 -6.37 5.79 5.04
N SER A 115 -6.22 4.57 5.53
CA SER A 115 -7.21 4.03 6.39
C SER A 115 -6.56 3.06 7.37
N ASN A 116 -7.10 3.02 8.58
CA ASN A 116 -6.69 2.09 9.64
C ASN A 116 -7.00 0.65 9.26
N ASP A 117 -7.98 0.49 8.38
CA ASP A 117 -8.44 -0.83 7.96
C ASP A 117 -8.43 -0.87 6.45
N ILE A 118 -7.51 -1.65 5.86
CA ILE A 118 -7.43 -1.75 4.39
C ILE A 118 -7.22 -3.22 4.03
N PRO A 119 -7.57 -3.60 2.79
CA PRO A 119 -7.42 -5.01 2.49
C PRO A 119 -5.96 -5.37 2.26
N PRO A 120 -5.64 -6.66 2.40
CA PRO A 120 -4.25 -7.14 2.46
C PRO A 120 -3.65 -7.30 1.08
N HIS A 121 -4.44 -6.91 0.07
CA HIS A 121 -4.11 -7.09 -1.34
C HIS A 121 -5.04 -6.18 -2.15
N LYS A 122 -4.60 -5.75 -3.35
CA LYS A 122 -5.49 -5.02 -4.26
C LYS A 122 -6.79 -5.75 -4.51
N ILE A 123 -7.83 -4.97 -4.80
CA ILE A 123 -9.09 -5.55 -5.19
C ILE A 123 -9.44 -5.00 -6.58
N ASN A 124 -9.33 -5.89 -7.57
CA ASN A 124 -9.42 -5.49 -8.96
C ASN A 124 -10.40 -6.44 -9.64
N PRO A 125 -11.66 -6.01 -9.88
CA PRO A 125 -12.24 -4.69 -9.66
C PRO A 125 -12.95 -4.55 -8.31
N LEU A 126 -13.08 -3.31 -7.85
CA LEU A 126 -13.78 -2.96 -6.61
C LEU A 126 -15.32 -2.81 -6.85
N PHE A 127 -15.67 -2.10 -7.92
CA PHE A 127 -17.08 -1.98 -8.35
C PHE A 127 -17.21 -2.37 -9.81
N GLU A 128 -18.35 -2.97 -10.15
CA GLU A 128 -18.65 -3.30 -11.51
C GLU A 128 -19.93 -2.62 -12.01
N GLU A 129 -20.03 -2.48 -13.33
CA GLU A 129 -21.17 -1.82 -13.94
C GLU A 129 -21.35 -2.56 -15.26
N ASN A 130 -22.55 -3.08 -15.47
CA ASN A 130 -22.85 -3.91 -16.66
C ASN A 130 -21.84 -5.06 -16.77
N GLY A 131 -21.43 -5.60 -15.61
CA GLY A 131 -20.57 -6.79 -15.58
C GLY A 131 -19.11 -6.51 -15.78
N LYS A 132 -18.73 -5.23 -15.74
CA LYS A 132 -17.38 -4.83 -16.07
C LYS A 132 -16.81 -3.95 -14.97
N GLY A 133 -15.54 -4.17 -14.63
CA GLY A 133 -14.89 -3.38 -13.61
C GLY A 133 -14.77 -1.94 -14.02
N ILE A 134 -15.09 -1.02 -13.12
CA ILE A 134 -14.87 0.39 -13.46
C ILE A 134 -14.03 1.14 -12.45
N ILE A 135 -13.57 0.46 -11.41
CA ILE A 135 -12.62 1.06 -10.46
C ILE A 135 -11.91 -0.09 -9.74
N ASP A 136 -10.60 0.04 -9.57
CA ASP A 136 -9.78 -0.99 -8.89
C ASP A 136 -9.31 -0.35 -7.61
N LEU A 137 -9.26 -1.11 -6.54
CA LEU A 137 -8.66 -0.63 -5.28
C LEU A 137 -7.20 -1.13 -5.18
N GLN A 138 -6.26 -0.19 -5.24
CA GLN A 138 -4.85 -0.49 -5.26
C GLN A 138 -4.38 -0.46 -3.81
N SER A 139 -4.07 -1.63 -3.31
CA SER A 139 -3.56 -1.80 -1.94
C SER A 139 -2.18 -2.50 -2.01
N TYR A 140 -1.91 -3.43 -1.09
CA TYR A 140 -0.62 -4.09 -1.09
C TYR A 140 -0.43 -4.81 -2.40
N ASN A 141 0.82 -4.90 -2.82
CA ASN A 141 1.20 -5.63 -4.04
C ASN A 141 0.65 -5.00 -5.33
N SER A 142 0.46 -3.68 -5.30
CA SER A 142 -0.01 -3.04 -6.46
C SER A 142 0.45 -1.61 -6.34
N TYR A 143 0.39 -0.87 -7.44
CA TYR A 143 0.77 0.51 -7.40
C TYR A 143 -0.01 1.32 -8.42
N VAL A 144 0.14 2.63 -8.33
CA VAL A 144 -0.34 3.50 -9.38
C VAL A 144 0.81 4.39 -9.87
N LEU A 145 0.76 4.73 -11.15
CA LEU A 145 1.74 5.62 -11.67
C LEU A 145 1.63 6.97 -11.01
N GLY A 146 2.77 7.65 -10.83
CA GLY A 146 2.82 8.82 -9.98
C GLY A 146 2.63 10.11 -10.76
N LEU A 147 2.09 11.11 -10.06
CA LEU A 147 1.91 12.47 -10.55
C LEU A 147 3.14 12.93 -11.27
N GLY A 148 2.96 13.35 -12.51
CA GLY A 148 4.04 13.93 -13.25
C GLY A 148 4.63 12.99 -14.27
N SER A 149 4.38 11.68 -14.12
CA SER A 149 4.78 10.67 -15.08
C SER A 149 3.87 10.82 -16.27
N CYS A 150 4.40 10.51 -17.43
CA CYS A 150 3.66 10.61 -18.67
C CYS A 150 3.80 9.37 -19.50
N VAL A 151 2.91 9.21 -20.47
CA VAL A 151 2.85 8.01 -21.29
C VAL A 151 2.65 8.44 -22.74
N ASN A 152 3.43 7.90 -23.70
CA ASN A 152 3.08 8.08 -25.10
C ASN A 152 2.17 6.93 -25.53
N HIS A 153 0.94 7.28 -25.93
CA HIS A 153 -0.07 6.28 -26.28
C HIS A 153 0.31 5.51 -27.57
N LEU A 154 1.30 5.99 -28.31
CA LEU A 154 1.85 5.22 -29.42
C LEU A 154 2.28 3.85 -28.95
N HIS A 155 2.78 3.75 -27.73
CA HIS A 155 3.15 2.44 -27.20
C HIS A 155 2.13 1.68 -26.32
N CYS A 156 0.89 2.17 -26.23
CA CYS A 156 -0.11 1.44 -25.45
C CYS A 156 -0.62 0.25 -26.26
N THR A 157 -0.87 -0.86 -25.57
CA THR A 157 -1.50 -2.03 -26.21
C THR A 157 -2.94 -2.30 -25.74
N THR A 158 -3.23 -2.10 -24.46
CA THR A 158 -4.61 -2.31 -23.96
C THR A 158 -5.62 -1.48 -24.72
N ASP A 159 -6.81 -2.03 -24.89
CA ASP A 159 -7.81 -1.31 -25.66
C ASP A 159 -8.55 -0.33 -24.73
N LYS A 160 -8.11 -0.23 -23.47
CA LYS A 160 -8.52 0.84 -22.58
C LYS A 160 -7.89 2.19 -23.00
N CYS A 161 -6.97 2.16 -23.96
CA CYS A 161 -6.31 3.37 -24.41
C CYS A 161 -7.11 3.95 -25.55
N PRO A 162 -7.66 5.16 -25.35
CA PRO A 162 -8.44 5.70 -26.46
C PRO A 162 -7.58 6.05 -27.69
N TRP A 163 -6.28 6.16 -27.50
CA TRP A 163 -5.40 6.77 -28.52
C TRP A 163 -4.33 5.80 -28.95
N LYS A 164 -4.63 4.50 -28.82
CA LYS A 164 -3.64 3.45 -29.04
C LYS A 164 -2.97 3.66 -30.40
N GLU A 165 -1.63 3.72 -30.39
CA GLU A 165 -0.83 3.82 -31.58
C GLU A 165 -0.93 5.18 -32.28
N GLN A 166 -1.44 6.21 -31.58
CA GLN A 166 -1.27 7.62 -32.01
C GLN A 166 -0.10 8.18 -31.22
N ASN A 167 0.68 9.02 -31.87
CA ASN A 167 1.78 9.71 -31.20
C ASN A 167 1.22 10.83 -30.37
N TYR A 168 0.80 10.48 -29.17
CA TYR A 168 0.08 11.44 -28.32
C TYR A 168 0.51 11.11 -26.94
N THR A 169 0.89 12.13 -26.19
CA THR A 169 1.38 11.94 -24.82
C THR A 169 0.41 12.59 -23.83
N THR A 170 -0.01 11.85 -22.80
CA THR A 170 -0.63 12.51 -21.64
C THR A 170 0.04 12.09 -20.35
N CYS A 171 -0.34 12.75 -19.25
CA CYS A 171 0.33 12.59 -17.98
C CYS A 171 -0.67 12.40 -16.83
N TYR A 172 -0.16 11.90 -15.69
CA TYR A 172 -0.87 11.95 -14.40
C TYR A 172 -0.69 13.37 -13.86
N THR A 173 -1.79 14.01 -13.52
CA THR A 173 -1.78 15.44 -13.21
C THR A 173 -2.76 15.74 -12.07
N LEU A 174 -2.59 16.88 -11.41
CA LEU A 174 -3.46 17.30 -10.32
C LEU A 174 -4.84 17.48 -10.84
N TYR A 175 -5.81 16.94 -10.12
CA TYR A 175 -7.21 17.16 -10.43
C TYR A 175 -7.57 18.59 -9.99
N ASN A 176 -7.05 19.03 -8.86
CA ASN A 176 -7.13 20.44 -8.56
C ASN A 176 -5.85 21.00 -7.99
N GLU A 177 -5.66 20.90 -6.70
CA GLU A 177 -4.33 21.19 -6.18
C GLU A 177 -3.78 20.05 -5.35
N LEU A 178 -2.49 20.14 -5.09
CA LEU A 178 -1.77 19.17 -4.30
C LEU A 178 -2.22 19.29 -2.87
N LYS A 179 -2.76 18.22 -2.29
CA LYS A 179 -2.88 18.21 -0.84
C LYS A 179 -2.51 16.89 -0.24
N GLU A 180 -2.26 16.90 1.05
CA GLU A 180 -1.75 15.74 1.72
C GLU A 180 -2.76 14.64 1.63
N ILE A 181 -2.26 13.40 1.54
CA ILE A 181 -3.13 12.27 1.53
C ILE A 181 -3.69 12.11 2.90
N SER A 182 -5.03 12.12 2.98
CA SER A 182 -5.72 12.22 4.25
C SER A 182 -6.31 10.87 4.70
N LYS A 183 -6.51 10.72 6.01
CA LYS A 183 -7.13 9.52 6.52
C LYS A 183 -8.68 9.51 6.42
N VAL A 184 -9.22 8.39 5.98
CA VAL A 184 -10.67 8.21 5.94
C VAL A 184 -11.01 6.83 6.52
N ASP A 185 -12.28 6.67 6.85
CA ASP A 185 -12.84 5.39 7.16
C ASP A 185 -13.14 4.77 5.80
N LEU A 186 -12.36 3.80 5.37
CA LEU A 186 -12.49 3.32 3.99
C LEU A 186 -13.77 2.55 3.82
N LYS A 187 -14.11 1.73 4.80
CA LYS A 187 -15.33 0.92 4.69
C LYS A 187 -16.55 1.81 4.55
N SER A 188 -16.48 2.94 5.23
CA SER A 188 -17.53 3.95 5.15
C SER A 188 -17.54 4.68 3.80
N LEU A 189 -16.37 4.96 3.25
CA LEU A 189 -16.36 5.51 1.89
C LEU A 189 -16.94 4.49 0.91
N LEU A 190 -16.53 3.25 1.04
CA LEU A 190 -17.03 2.20 0.13
C LEU A 190 -18.52 1.98 0.23
N ARG A 191 -19.05 2.05 1.45
CA ARG A 191 -20.51 1.92 1.65
C ARG A 191 -21.25 3.14 1.02
N PHE A 192 -20.64 4.31 1.09
CA PHE A 192 -21.20 5.49 0.44
C PHE A 192 -21.19 5.33 -1.07
N LEU A 193 -20.05 4.92 -1.63
CA LEU A 193 -20.02 4.59 -3.04
C LEU A 193 -21.08 3.55 -3.42
N ALA A 194 -21.27 2.52 -2.62
CA ALA A 194 -22.25 1.51 -3.00
C ALA A 194 -23.66 2.12 -2.98
N GLU A 195 -23.94 2.96 -1.98
CA GLU A 195 -25.26 3.55 -1.84
C GLU A 195 -25.57 4.42 -3.05
N LYS A 196 -24.64 5.27 -3.41
CA LYS A 196 -24.76 6.13 -4.59
C LYS A 196 -24.81 5.32 -5.88
N GLY A 197 -24.09 4.20 -5.95
CA GLY A 197 -24.07 3.39 -7.18
C GLY A 197 -25.32 2.58 -7.47
N LYS A 198 -26.16 2.34 -6.45
CA LYS A 198 -27.33 1.49 -6.59
C LYS A 198 -28.20 1.95 -7.74
N ARG A 199 -28.50 3.25 -7.81
CA ARG A 199 -29.39 3.78 -8.86
C ARG A 199 -28.79 3.69 -10.25
N LEU A 200 -27.45 3.54 -10.35
CA LEU A 200 -26.81 3.36 -11.66
C LEU A 200 -26.38 1.93 -12.03
N GLY A 201 -26.78 0.96 -11.21
CA GLY A 201 -26.29 -0.40 -11.35
C GLY A 201 -24.79 -0.59 -11.14
N ILE A 202 -24.14 0.28 -10.39
CA ILE A 202 -22.71 0.17 -10.04
C ILE A 202 -22.67 -0.54 -8.70
N THR A 203 -22.12 -1.76 -8.68
CA THR A 203 -22.20 -2.61 -7.50
C THR A 203 -20.83 -3.18 -7.08
N LEU A 204 -20.69 -3.49 -5.79
CA LEU A 204 -19.43 -4.03 -5.28
C LEU A 204 -19.16 -5.37 -5.94
N SER A 205 -17.91 -5.67 -6.33
CA SER A 205 -17.61 -6.98 -6.86
C SER A 205 -17.68 -7.99 -5.70
N LYS A 206 -17.70 -9.29 -6.00
CA LYS A 206 -17.76 -10.28 -4.93
C LYS A 206 -16.63 -10.08 -3.92
N THR A 207 -15.39 -9.90 -4.41
CA THR A 207 -14.26 -9.78 -3.50
C THR A 207 -14.38 -8.55 -2.62
N ALA A 208 -14.87 -7.44 -3.18
CA ALA A 208 -15.01 -6.20 -2.45
C ALA A 208 -16.03 -6.41 -1.31
N LYS A 209 -17.17 -6.96 -1.66
CA LYS A 209 -18.24 -7.20 -0.71
C LYS A 209 -17.79 -8.09 0.45
N GLU A 210 -17.00 -9.10 0.14
CA GLU A 210 -16.57 -9.96 1.22
C GLU A 210 -15.53 -9.31 2.11
N TRP A 211 -14.60 -8.55 1.55
CA TRP A 211 -13.78 -7.74 2.42
C TRP A 211 -14.60 -6.78 3.25
N LEU A 212 -15.48 -6.04 2.59
CA LEU A 212 -16.21 -4.97 3.26
C LEU A 212 -17.19 -5.46 4.30
N GLU A 213 -18.13 -6.27 3.85
CA GLU A 213 -19.32 -6.54 4.63
C GLU A 213 -19.34 -8.01 4.93
N GLY A 214 -18.45 -8.42 5.82
CA GLY A 214 -18.38 -9.82 6.18
C GLY A 214 -16.97 -10.13 6.61
N GLU A 226 -8.07 -19.35 18.78
CA GLU A 226 -8.01 -18.96 17.35
C GLU A 226 -7.70 -20.18 16.47
N GLU A 227 -8.54 -20.38 15.47
CA GLU A 227 -8.21 -21.25 14.37
C GLU A 227 -6.94 -20.67 13.71
N LEU A 228 -6.67 -19.40 13.99
CA LEU A 228 -5.52 -18.70 13.42
C LEU A 228 -4.20 -19.12 14.10
N ARG A 229 -4.12 -18.88 15.41
CA ARG A 229 -2.98 -19.35 16.19
C ARG A 229 -2.54 -20.74 15.72
N LYS A 230 -3.50 -21.65 15.60
CA LYS A 230 -3.15 -23.02 15.24
C LYS A 230 -2.52 -23.03 13.87
N GLU A 231 -3.02 -22.18 12.97
CA GLU A 231 -2.46 -22.09 11.63
C GLU A 231 -1.11 -21.38 11.64
N LEU A 232 -0.94 -20.41 12.54
CA LEU A 232 0.34 -19.71 12.72
C LEU A 232 1.38 -20.66 13.29
N VAL A 233 1.00 -21.40 14.31
CA VAL A 233 1.88 -22.41 14.88
C VAL A 233 2.24 -23.46 13.82
N LYS A 234 1.23 -23.97 13.15
CA LYS A 234 1.37 -25.00 12.13
C LYS A 234 2.28 -24.59 10.97
N ARG A 235 2.31 -23.31 10.62
CA ARG A 235 3.12 -22.81 9.52
C ARG A 235 4.52 -22.32 9.94
N ASP A 236 4.76 -22.30 11.24
CA ASP A 236 6.03 -21.89 11.81
C ASP A 236 7.15 -22.85 11.34
N SER A 237 8.40 -22.40 11.37
CA SER A 237 9.49 -23.03 10.61
C SER A 237 10.15 -24.32 11.11
N GLY A 238 10.09 -24.68 12.38
CA GLY A 238 9.86 -23.85 13.53
C GLY A 238 11.11 -24.13 14.36
N LYS A 239 12.10 -23.29 14.12
CA LYS A 239 13.41 -23.41 14.71
C LYS A 239 13.40 -22.88 16.14
N PRO A 240 14.48 -23.15 16.87
CA PRO A 240 14.72 -22.50 18.15
C PRO A 240 14.92 -20.99 17.96
N VAL A 241 14.59 -20.23 19.00
CA VAL A 241 14.70 -18.77 18.91
C VAL A 241 16.14 -18.32 18.66
N GLU A 242 17.08 -19.05 19.24
CA GLU A 242 18.51 -18.72 19.11
C GLU A 242 18.99 -18.92 17.67
N LYS A 243 18.50 -19.97 17.01
CA LYS A 243 18.84 -20.27 15.65
C LYS A 243 18.27 -19.18 14.73
N ILE A 244 17.03 -18.77 15.03
CA ILE A 244 16.30 -17.74 14.28
C ILE A 244 17.10 -16.43 14.35
N LYS A 245 17.54 -16.06 15.55
CA LYS A 245 18.34 -14.86 15.70
C LYS A 245 19.61 -14.99 14.88
N GLU A 246 20.27 -16.14 14.98
CA GLU A 246 21.49 -16.35 14.19
C GLU A 246 21.25 -16.27 12.70
N GLU A 247 20.20 -16.93 12.21
CA GLU A 247 19.90 -16.91 10.79
C GLU A 247 19.63 -15.48 10.33
N ILE A 248 18.79 -14.74 11.05
CA ILE A 248 18.43 -13.38 10.64
C ILE A 248 19.64 -12.46 10.67
N CYS A 249 20.44 -12.61 11.72
CA CYS A 249 21.53 -11.69 11.92
C CYS A 249 22.70 -11.91 10.95
N THR A 250 22.69 -13.03 10.28
CA THR A 250 23.64 -13.29 9.20
C THR A 250 23.01 -13.14 7.79
N LYS A 251 21.87 -12.47 7.68
CA LYS A 251 21.16 -12.30 6.40
C LYS A 251 21.01 -10.89 5.95
N SER A 252 21.86 -10.00 6.40
CA SER A 252 21.79 -8.64 5.96
C SER A 252 20.45 -7.95 6.17
N PRO A 253 19.86 -8.02 7.35
CA PRO A 253 18.55 -7.43 7.63
C PRO A 253 18.56 -5.92 7.53
N PRO A 254 17.38 -5.33 7.31
CA PRO A 254 17.13 -3.92 7.31
C PRO A 254 17.47 -3.33 8.65
N LYS A 255 17.63 -2.02 8.66
CA LYS A 255 18.14 -1.31 9.81
C LYS A 255 17.38 -1.60 11.08
N LEU A 256 16.06 -1.55 11.01
CA LEU A 256 15.26 -1.74 12.22
C LEU A 256 15.39 -3.15 12.72
N ILE A 257 15.36 -4.10 11.82
CA ILE A 257 15.45 -5.49 12.22
C ILE A 257 16.82 -5.72 12.89
N LYS A 258 17.89 -5.22 12.26
CA LYS A 258 19.21 -5.40 12.85
C LYS A 258 19.19 -4.88 14.28
N GLU A 259 18.68 -3.67 14.46
CA GLU A 259 18.68 -3.03 15.78
C GLU A 259 17.95 -3.85 16.84
N ILE A 260 16.76 -4.34 16.51
CA ILE A 260 15.92 -4.99 17.47
C ILE A 260 16.25 -6.46 17.61
N ILE A 261 16.47 -7.16 16.51
CA ILE A 261 16.73 -8.60 16.62
C ILE A 261 18.18 -8.87 16.99
N CYS A 262 19.06 -8.07 16.44
CA CYS A 262 20.48 -8.40 16.52
C CYS A 262 21.21 -7.53 17.52
N GLU A 263 20.72 -6.33 17.77
CA GLU A 263 21.44 -5.42 18.67
C GLU A 263 20.71 -5.23 20.01
N ASN A 264 19.58 -5.88 20.16
CA ASN A 264 18.89 -5.89 21.44
C ASN A 264 18.45 -4.52 21.91
N LYS A 265 18.23 -3.62 20.96
CA LYS A 265 17.72 -2.30 21.28
C LYS A 265 16.18 -2.26 21.44
N THR A 266 15.69 -1.26 22.18
CA THR A 266 14.25 -1.06 22.38
C THR A 266 13.80 -0.11 21.30
N TYR A 267 12.48 0.03 21.11
CA TYR A 267 11.93 1.03 20.18
C TYR A 267 12.31 2.43 20.66
N ALA A 268 12.29 2.67 21.97
CA ALA A 268 12.67 3.96 22.54
C ALA A 268 14.14 4.29 22.28
N ASP A 269 15.01 3.27 22.32
CA ASP A 269 16.44 3.44 22.00
C ASP A 269 16.55 3.93 20.57
N VAL A 270 15.89 3.26 19.64
CA VAL A 270 16.04 3.65 18.24
C VAL A 270 15.00 4.69 17.84
N ASN A 271 14.30 5.23 18.83
CA ASN A 271 13.39 6.34 18.59
C ASN A 271 12.43 6.05 17.43
N ILE A 272 11.70 4.95 17.54
CA ILE A 272 10.62 4.64 16.60
C ILE A 272 9.32 4.40 17.37
N ASP A 273 8.23 4.82 16.77
CA ASP A 273 6.92 4.57 17.34
C ASP A 273 6.72 3.07 17.63
N ARG A 274 6.26 2.75 18.83
CA ARG A 274 6.00 1.35 19.23
C ARG A 274 5.26 0.56 18.18
N SER A 275 4.11 1.08 17.78
CA SER A 275 3.20 0.40 16.85
C SER A 275 3.85 0.10 15.51
N ARG A 276 4.53 1.11 14.96
CA ARG A 276 5.24 1.00 13.70
C ARG A 276 6.39 -0.01 13.80
N GLY A 277 7.12 0.02 14.92
CA GLY A 277 8.17 -0.94 15.21
C GLY A 277 7.67 -2.37 15.21
N ASP A 278 6.56 -2.61 15.94
CA ASP A 278 6.01 -3.95 16.03
C ASP A 278 5.58 -4.46 14.65
N TRP A 279 4.95 -3.57 13.89
CA TRP A 279 4.35 -3.94 12.62
C TRP A 279 5.49 -4.41 11.72
N HIS A 280 6.53 -3.62 11.62
CA HIS A 280 7.61 -3.97 10.67
C HIS A 280 8.41 -5.17 11.12
N VAL A 281 8.65 -5.24 12.42
CA VAL A 281 9.36 -6.41 12.94
C VAL A 281 8.58 -7.70 12.70
N ILE A 282 7.28 -7.65 12.97
CA ILE A 282 6.42 -8.82 12.76
C ILE A 282 6.33 -9.30 11.31
N LEU A 283 6.09 -8.38 10.38
CA LEU A 283 6.17 -8.70 8.94
C LEU A 283 7.44 -9.44 8.51
N TYR A 284 8.59 -8.90 8.89
CA TYR A 284 9.88 -9.50 8.58
C TYR A 284 9.98 -10.95 9.11
N LEU A 285 9.70 -11.12 10.40
CA LEU A 285 9.73 -12.43 11.05
C LEU A 285 8.82 -13.42 10.33
N MET A 286 7.60 -13.00 9.99
CA MET A 286 6.64 -13.92 9.35
C MET A 286 7.14 -14.25 7.96
N LYS A 287 7.73 -13.26 7.29
CA LYS A 287 8.33 -13.53 5.98
C LYS A 287 9.51 -14.51 6.15
N HIS A 288 10.21 -14.42 7.28
CA HIS A 288 11.31 -15.37 7.58
C HIS A 288 10.82 -16.75 7.94
N GLY A 289 9.52 -16.93 8.08
CA GLY A 289 8.97 -18.24 8.49
C GLY A 289 8.75 -18.41 9.98
N VAL A 290 8.89 -17.32 10.73
CA VAL A 290 8.67 -17.35 12.17
C VAL A 290 7.28 -16.82 12.43
N THR A 291 6.32 -17.74 12.50
CA THR A 291 4.91 -17.37 12.64
C THR A 291 4.29 -17.70 14.01
N ASP A 292 5.03 -18.47 14.83
CA ASP A 292 4.54 -18.89 16.15
C ASP A 292 4.45 -17.65 17.03
N PRO A 293 3.24 -17.31 17.51
CA PRO A 293 3.11 -16.03 18.22
C PRO A 293 4.05 -15.88 19.44
N ASP A 294 4.34 -16.97 20.15
CA ASP A 294 5.17 -16.86 21.31
C ASP A 294 6.62 -16.61 20.93
N LYS A 295 7.07 -17.20 19.82
CA LYS A 295 8.41 -16.87 19.36
C LYS A 295 8.51 -15.37 18.99
N ILE A 296 7.49 -14.91 18.27
CA ILE A 296 7.39 -13.48 17.87
C ILE A 296 7.43 -12.59 19.09
N LEU A 297 6.57 -12.90 20.06
CA LEU A 297 6.53 -12.15 21.32
C LEU A 297 7.91 -12.10 22.00
N GLU A 298 8.60 -13.23 22.08
CA GLU A 298 9.94 -13.23 22.65
C GLU A 298 10.99 -12.36 21.92
N LEU A 299 10.82 -12.16 20.61
CA LEU A 299 11.79 -11.40 19.83
C LEU A 299 11.49 -9.88 19.81
N LEU A 300 10.25 -9.51 20.12
CA LEU A 300 9.87 -8.11 20.29
C LEU A 300 10.55 -7.53 21.54
N PRO A 301 10.88 -6.23 21.51
CA PRO A 301 11.56 -5.59 22.62
C PRO A 301 10.62 -5.35 23.81
N ARG A 302 11.14 -4.93 24.97
CA ARG A 302 10.26 -4.80 26.12
C ARG A 302 9.25 -3.68 26.05
N ASP A 303 9.53 -2.64 25.27
CA ASP A 303 8.56 -1.55 25.11
C ASP A 303 7.60 -1.80 23.95
N SER A 304 7.49 -3.05 23.51
CA SER A 304 6.50 -3.41 22.50
C SER A 304 5.06 -3.06 22.96
N LYS A 305 4.25 -2.53 22.05
CA LYS A 305 2.86 -2.28 22.39
C LYS A 305 2.13 -3.57 22.76
N ALA A 306 2.72 -4.73 22.38
CA ALA A 306 2.19 -6.08 22.72
C ALA A 306 2.60 -6.57 24.09
N LYS A 307 3.33 -5.74 24.81
CA LYS A 307 3.89 -6.12 26.13
C LYS A 307 3.65 -5.03 27.17
N GLU A 308 3.68 -3.79 26.69
CA GLU A 308 3.67 -2.59 27.52
C GLU A 308 2.30 -2.00 27.31
N ASN A 309 1.37 -2.42 28.13
CA ASN A 309 -0.02 -2.10 27.87
C ASN A 309 -0.73 -2.63 29.10
N GLU A 310 -1.94 -2.14 29.33
CA GLU A 310 -2.82 -2.79 30.29
C GLU A 310 -3.21 -4.12 29.65
N LYS A 311 -3.37 -5.15 30.47
CA LYS A 311 -3.44 -6.49 29.92
C LYS A 311 -4.65 -6.73 29.00
N TRP A 312 -5.79 -6.07 29.26
CA TRP A 312 -6.97 -6.27 28.39
C TRP A 312 -6.71 -5.76 26.98
N ASN A 313 -5.87 -4.74 26.88
CA ASN A 313 -5.54 -4.14 25.60
C ASN A 313 -4.46 -4.96 24.90
N THR A 314 -3.57 -5.50 25.70
CA THR A 314 -2.38 -6.15 25.26
C THR A 314 -2.72 -7.25 24.26
N GLN A 315 -3.76 -8.01 24.59
CA GLN A 315 -4.14 -9.17 23.83
C GLN A 315 -4.93 -8.83 22.60
N LYS A 316 -5.84 -7.88 22.69
CA LYS A 316 -6.50 -7.34 21.49
C LYS A 316 -5.46 -6.85 20.46
N TYR A 317 -4.52 -6.04 20.94
CA TYR A 317 -3.52 -5.46 20.08
C TYR A 317 -2.69 -6.56 19.39
N PHE A 318 -2.16 -7.49 20.17
CA PHE A 318 -1.32 -8.53 19.65
C PHE A 318 -2.02 -9.43 18.61
N VAL A 319 -3.21 -9.91 18.95
CA VAL A 319 -4.04 -10.65 18.03
C VAL A 319 -4.33 -9.92 16.73
N ILE A 320 -4.74 -8.65 16.85
CA ILE A 320 -5.12 -7.89 15.68
C ILE A 320 -3.90 -7.67 14.78
N THR A 321 -2.79 -7.32 15.38
CA THR A 321 -1.55 -7.12 14.67
C THR A 321 -1.06 -8.40 13.99
N LEU A 322 -1.09 -9.51 14.72
CA LEU A 322 -0.65 -10.77 14.14
C LEU A 322 -1.56 -11.10 13.00
N SER A 323 -2.88 -10.99 13.21
CA SER A 323 -3.85 -11.32 12.17
C SER A 323 -3.64 -10.52 10.90
N LYS A 324 -3.47 -9.21 11.03
CA LYS A 324 -3.26 -8.34 9.87
C LYS A 324 -1.91 -8.63 9.21
N ALA A 325 -0.87 -8.75 10.02
CA ALA A 325 0.46 -9.02 9.47
C ALA A 325 0.45 -10.30 8.63
N TRP A 326 -0.13 -11.36 9.18
CA TRP A 326 -0.15 -12.64 8.51
C TRP A 326 -0.96 -12.56 7.18
N SER A 327 -2.04 -11.81 7.18
CA SER A 327 -2.83 -11.78 5.93
C SER A 327 -2.03 -11.03 4.87
N VAL A 328 -1.33 -10.00 5.31
CA VAL A 328 -0.41 -9.25 4.43
C VAL A 328 0.74 -10.11 3.89
N VAL A 329 1.40 -10.88 4.78
CA VAL A 329 2.48 -11.78 4.37
C VAL A 329 1.96 -12.85 3.41
N LYS A 330 0.85 -13.51 3.74
CA LYS A 330 0.28 -14.53 2.86
C LYS A 330 0.02 -14.02 1.44
N LYS A 331 -0.57 -12.84 1.32
CA LYS A 331 -0.88 -12.31 -0.01
C LYS A 331 0.38 -11.92 -0.77
N TYR A 332 1.36 -11.39 -0.03
CA TYR A 332 2.62 -10.96 -0.58
C TYR A 332 3.38 -12.14 -1.15
N LEU A 333 3.45 -13.21 -0.39
CA LEU A 333 4.14 -14.42 -0.86
C LEU A 333 3.40 -15.00 -2.07
N GLU A 334 2.08 -14.99 -2.01
CA GLU A 334 1.29 -15.45 -3.12
C GLU A 334 1.48 -14.53 -4.35
N ALA A 335 2.04 -13.34 -4.15
CA ALA A 335 2.19 -12.37 -5.24
C ALA A 335 3.51 -12.52 -6.01
#